data_5F8A
#
_entry.id   5F8A
#
_cell.length_a   46.430
_cell.length_b   52.860
_cell.length_c   65.310
_cell.angle_alpha   70.61
_cell.angle_beta   73.24
_cell.angle_gamma   81.81
#
_symmetry.space_group_name_H-M   'P 1'
#
loop_
_entity.id
_entity.type
_entity.pdbx_description
1 polymer "DNA (5'-D(*AP*AP*AP*GP*AP*TP*AP*TP*CP*TP*TP*T)-3')"
2 polymer 'Type-2 restriction enzyme EcoRV'
3 non-polymer 'LUTETIUM (III) ION'
4 non-polymer 'SODIUM ION'
5 non-polymer 1,2-ETHANEDIOL
6 water water
#
loop_
_entity_poly.entity_id
_entity_poly.type
_entity_poly.pdbx_seq_one_letter_code
_entity_poly.pdbx_strand_id
1 'polydeoxyribonucleotide' (DA)(DA)(DA)(DG)(DA)(DT)(DA)(DT)(DC)(DT)(DT)(DT) C,D
2 'polypeptide(L)'
;SLRSDLINALYDENQKYDVCGIISAEGKIYPLGSDTKVLSTIFELFSRPIINKIAEKHGYIVEEPKQQNHYPDFTLYKPS
EPNKKIAIDIKTTYTNKENEKIKFTLGGYTSFIRNNTKNIVYPFDQYIAHWIIGYVYTRVATRKSSLKTYNINELNEIPK
PYKGVKVFLQDKWVIAGDLAGSGNTTNIGSIHAHYKDFVEGKGIFDSEDEFLDYWRNYERTSQLRNDKYNNISEYRNWIY
RGRK
;
A,B
#
# COMPACT_ATOMS: atom_id res chain seq x y z
N SER C 1 11.86 13.33 27.56
CA SER C 1 12.18 13.92 26.22
C SER C 1 11.02 13.73 25.29
N LEU C 2 11.10 14.41 24.16
CA LEU C 2 10.10 14.25 23.10
C LEU C 2 10.05 12.76 22.71
N ARG C 3 11.23 12.17 22.51
CA ARG C 3 11.31 10.76 22.14
C ARG C 3 10.67 9.84 23.19
N SER C 4 11.03 10.00 24.44
CA SER C 4 10.53 9.11 25.44
C SER C 4 9.05 9.30 25.67
N ASP C 5 8.57 10.54 25.61
CA ASP C 5 7.12 10.75 25.72
C ASP C 5 6.38 10.14 24.55
N LEU C 6 6.97 10.24 23.35
CA LEU C 6 6.32 9.72 22.17
C LEU C 6 6.16 8.19 22.21
N ILE C 7 7.22 7.47 22.48
CA ILE C 7 7.07 6.03 22.56
C ILE C 7 6.20 5.61 23.75
N ASN C 8 6.29 6.33 24.85
CA ASN C 8 5.37 6.02 25.96
C ASN C 8 3.91 6.15 25.52
N ALA C 9 3.60 7.17 24.71
CA ALA C 9 2.22 7.42 24.28
C ALA C 9 1.76 6.37 23.26
N LEU C 10 2.65 5.97 22.33
CA LEU C 10 2.37 4.97 21.34
C LEU C 10 2.21 3.59 21.95
N TYR C 11 3.09 3.30 22.91
CA TYR C 11 3.08 2.04 23.66
C TYR C 11 1.78 1.90 24.46
N ASP C 12 1.38 2.98 25.11
CA ASP C 12 0.16 2.99 25.91
C ASP C 12 -1.10 2.89 25.03
N GLU C 13 -1.12 3.66 23.94
CA GLU C 13 -2.28 3.66 23.06
C GLU C 13 -2.51 2.22 22.52
N ASN C 14 -1.44 1.56 22.11
CA ASN C 14 -1.52 0.23 21.51
C ASN C 14 -2.07 -0.76 22.57
N GLN C 15 -1.67 -0.59 23.84
CA GLN C 15 -2.21 -1.46 24.92
C GLN C 15 -3.70 -1.22 25.13
N LYS C 16 -4.15 0.04 25.04
CA LYS C 16 -5.51 0.37 25.47
C LYS C 16 -6.58 0.28 24.37
N TYR C 17 -6.18 0.35 23.09
CA TYR C 17 -7.15 0.49 21.99
C TYR C 17 -6.85 -0.51 20.90
N ASP C 18 -7.89 -1.16 20.39
CA ASP C 18 -7.77 -2.11 19.24
C ASP C 18 -8.64 -1.67 18.09
N VAL C 19 -7.99 -1.29 16.98
CA VAL C 19 -8.71 -0.89 15.80
C VAL C 19 -9.47 -2.08 15.24
N CYS C 20 -10.71 -1.88 14.78
CA CYS C 20 -11.51 -3.01 14.33
C CYS C 20 -12.33 -2.75 13.08
N GLY C 21 -12.26 -1.55 12.49
CA GLY C 21 -13.04 -1.29 11.32
C GLY C 21 -12.83 0.08 10.79
N ILE C 22 -13.43 0.35 9.62
CA ILE C 22 -13.54 1.71 9.10
C ILE C 22 -14.97 2.12 9.34
N ILE C 23 -15.18 3.38 9.65
CA ILE C 23 -16.54 3.85 9.95
C ILE C 23 -16.93 4.96 9.00
N SER C 24 -18.21 4.98 8.59
CA SER C 24 -18.73 6.04 7.77
C SER C 24 -19.37 7.12 8.62
N ALA C 25 -19.62 8.25 8.00
CA ALA C 25 -20.19 9.42 8.70
C ALA C 25 -21.58 9.11 9.23
N GLU C 26 -22.25 8.17 8.60
CA GLU C 26 -23.61 7.83 9.05
C GLU C 26 -23.65 6.66 10.03
N GLY C 27 -22.46 6.18 10.47
CA GLY C 27 -22.35 5.21 11.54
C GLY C 27 -22.17 3.74 11.10
N LYS C 28 -22.05 3.47 9.81
CA LYS C 28 -21.93 2.08 9.37
C LYS C 28 -20.44 1.70 9.46
N ILE C 29 -20.19 0.51 9.95
CA ILE C 29 -18.79 0.04 10.17
C ILE C 29 -18.49 -1.12 9.25
N TYR C 30 -17.30 -1.08 8.61
CA TYR C 30 -16.86 -2.12 7.69
C TYR C 30 -15.61 -2.78 8.29
N PRO C 31 -15.55 -4.11 8.37
CA PRO C 31 -14.37 -4.74 9.03
C PRO C 31 -13.09 -4.63 8.25
N LEU C 32 -12.01 -4.99 8.94
CA LEU C 32 -10.67 -4.97 8.36
C LEU C 32 -10.38 -6.28 7.69
N GLY C 33 -9.73 -6.23 6.55
CA GLY C 33 -9.16 -7.45 5.92
C GLY C 33 -7.73 -7.73 6.42
N SER C 34 -7.14 -8.79 5.92
CA SER C 34 -5.86 -9.23 6.47
C SER C 34 -4.68 -8.75 5.58
N ASP C 35 -4.98 -8.25 4.37
CA ASP C 35 -3.91 -7.73 3.50
C ASP C 35 -2.88 -6.91 4.33
N THR C 36 -1.63 -7.21 4.14
CA THR C 36 -0.54 -6.40 4.72
C THR C 36 -0.75 -4.84 4.48
N LYS C 37 -1.21 -4.46 3.31
CA LYS C 37 -1.49 -3.08 3.00
C LYS C 37 -2.56 -2.54 3.92
N VAL C 38 -3.49 -3.40 4.37
CA VAL C 38 -4.53 -2.94 5.26
C VAL C 38 -3.91 -2.54 6.58
N LEU C 39 -3.14 -3.45 7.17
CA LEU C 39 -2.71 -3.21 8.56
C LEU C 39 -1.68 -2.07 8.64
N SER C 40 -0.78 -1.97 7.64
CA SER C 40 0.15 -0.87 7.65
C SER C 40 -0.61 0.44 7.65
N THR C 41 -1.62 0.55 6.82
CA THR C 41 -2.42 1.76 6.74
C THR C 41 -3.12 2.05 8.07
N ILE C 42 -3.73 1.02 8.64
CA ILE C 42 -4.43 1.17 9.92
C ILE C 42 -3.47 1.66 11.03
N PHE C 43 -2.28 1.09 11.09
CA PHE C 43 -1.36 1.50 12.17
C PHE C 43 -0.85 2.88 11.96
N GLU C 44 -0.69 3.30 10.68
CA GLU C 44 -0.25 4.62 10.40
C GLU C 44 -1.32 5.60 10.88
N LEU C 45 -2.59 5.32 10.52
CA LEU C 45 -3.69 6.21 10.90
C LEU C 45 -3.86 6.26 12.44
N PHE C 46 -3.63 5.12 13.08
CA PHE C 46 -3.67 5.04 14.55
C PHE C 46 -2.59 5.91 15.19
N SER C 47 -1.43 6.05 14.52
CA SER C 47 -0.34 6.76 15.08
C SER C 47 -0.45 8.29 14.91
N ARG C 48 -1.14 8.76 13.84
CA ARG C 48 -1.08 10.14 13.49
C ARG C 48 -1.52 11.07 14.65
N PRO C 49 -2.63 10.83 15.28
CA PRO C 49 -3.04 11.77 16.37
C PRO C 49 -2.13 11.75 17.56
N ILE C 50 -1.52 10.60 17.85
CA ILE C 50 -0.58 10.49 18.96
C ILE C 50 0.69 11.29 18.70
N ILE C 51 1.27 11.11 17.52
CA ILE C 51 2.45 11.86 17.13
C ILE C 51 2.18 13.37 17.27
N ASN C 52 1.05 13.81 16.72
CA ASN C 52 0.71 15.22 16.79
C ASN C 52 0.57 15.69 18.21
N LYS C 53 -0.18 14.98 19.00
CA LYS C 53 -0.40 15.38 20.41
C LYS C 53 0.92 15.55 21.16
N ILE C 54 1.79 14.55 21.08
CA ILE C 54 3.07 14.63 21.80
C ILE C 54 3.96 15.73 21.26
N ALA C 55 4.02 15.87 19.94
CA ALA C 55 4.81 16.90 19.33
C ALA C 55 4.36 18.28 19.87
N GLU C 56 3.06 18.49 19.96
CA GLU C 56 2.54 19.76 20.42
C GLU C 56 2.80 19.99 21.90
N LYS C 57 2.83 18.94 22.68
CA LYS C 57 3.14 19.03 24.11
C LYS C 57 4.61 19.47 24.31
N HIS C 58 5.45 19.32 23.28
CA HIS C 58 6.84 19.77 23.30
C HIS C 58 7.14 21.00 22.42
N GLY C 59 6.13 21.65 21.89
CA GLY C 59 6.34 22.88 21.15
C GLY C 59 6.82 22.71 19.71
N TYR C 60 6.64 21.53 19.13
CA TYR C 60 7.07 21.25 17.74
C TYR C 60 5.93 21.48 16.79
N ILE C 61 6.24 22.12 15.70
CA ILE C 61 5.37 22.16 14.49
C ILE C 61 5.36 20.73 13.90
N VAL C 62 4.20 20.31 13.39
CA VAL C 62 4.05 18.99 12.77
C VAL C 62 3.62 19.17 11.31
N GLU C 63 4.34 18.55 10.38
CA GLU C 63 4.02 18.63 8.94
C GLU C 63 4.05 17.24 8.32
N GLU C 64 3.01 16.92 7.60
CA GLU C 64 2.96 15.73 6.76
C GLU C 64 3.27 16.16 5.33
N PRO C 65 3.63 15.18 4.46
CA PRO C 65 3.96 15.54 3.06
C PRO C 65 2.76 16.20 2.36
N LYS C 66 3.06 17.12 1.48
CA LYS C 66 2.05 17.69 0.56
C LYS C 66 1.95 16.86 -0.69
N GLN C 67 3.07 16.33 -1.12
CA GLN C 67 3.12 15.56 -2.35
C GLN C 67 3.10 14.06 -1.98
N GLN C 68 2.47 13.28 -2.82
CA GLN C 68 2.50 11.83 -2.69
C GLN C 68 3.90 11.33 -2.89
N ASN C 69 4.23 10.29 -2.15
CA ASN C 69 5.52 9.57 -2.31
C ASN C 69 6.71 10.37 -1.92
N HIS C 70 6.56 11.25 -0.95
CA HIS C 70 7.67 11.90 -0.27
C HIS C 70 7.81 11.33 1.18
N TYR C 71 9.02 11.03 1.55
CA TYR C 71 9.41 10.76 2.96
C TYR C 71 9.54 12.12 3.66
N PRO C 72 9.33 12.19 4.96
CA PRO C 72 8.84 11.21 5.94
C PRO C 72 7.38 11.44 6.26
N ASP C 73 6.78 10.48 6.98
CA ASP C 73 5.38 10.61 7.35
C ASP C 73 5.16 11.89 8.15
N PHE C 74 6.08 12.21 9.06
CA PHE C 74 5.99 13.40 9.88
C PHE C 74 7.33 14.11 9.97
N THR C 75 7.28 15.41 9.78
CA THR C 75 8.43 16.27 9.97
C THR C 75 8.08 17.16 11.15
N LEU C 76 8.95 17.13 12.15
CA LEU C 76 8.78 18.01 13.35
C LEU C 76 9.93 18.99 13.43
N TYR C 77 9.59 20.25 13.76
CA TYR C 77 10.65 21.25 14.05
C TYR C 77 10.09 22.32 14.92
N LYS C 78 10.96 22.96 15.66
CA LYS C 78 10.55 24.18 16.36
C LYS C 78 10.81 25.32 15.41
N PRO C 79 9.87 26.28 15.33
CA PRO C 79 10.10 27.44 14.48
C PRO C 79 11.35 28.27 14.83
N SER C 80 11.87 28.20 16.08
CA SER C 80 13.09 28.90 16.42
C SER C 80 14.37 28.25 15.86
N GLU C 81 14.31 26.99 15.44
CA GLU C 81 15.46 26.34 14.78
C GLU C 81 14.93 25.43 13.70
N PRO C 82 14.55 26.03 12.60
CA PRO C 82 13.95 25.27 11.50
C PRO C 82 14.89 24.29 10.79
N ASN C 83 16.21 24.34 11.03
CA ASN C 83 17.14 23.44 10.38
C ASN C 83 17.61 22.33 11.24
N LYS C 84 16.87 22.07 12.34
CA LYS C 84 17.07 20.92 13.18
C LYS C 84 15.75 20.12 13.14
N LYS C 85 15.42 19.59 11.96
CA LYS C 85 14.15 18.89 11.78
C LYS C 85 14.26 17.42 12.20
N ILE C 86 13.15 16.90 12.70
CA ILE C 86 13.06 15.49 13.05
C ILE C 86 12.09 14.79 12.06
N ALA C 87 12.59 13.71 11.48
CA ALA C 87 11.81 12.87 10.60
C ALA C 87 11.24 11.69 11.42
N ILE C 88 9.96 11.41 11.25
CA ILE C 88 9.32 10.25 11.93
C ILE C 88 8.57 9.50 10.88
N ASP C 89 8.87 8.24 10.73
CA ASP C 89 8.30 7.44 9.66
C ASP C 89 7.83 6.13 10.23
N ILE C 90 6.64 5.70 9.78
CA ILE C 90 5.94 4.55 10.37
C ILE C 90 6.08 3.35 9.46
N LYS C 91 6.48 2.22 10.02
CA LYS C 91 6.68 1.01 9.24
C LYS C 91 6.08 -0.20 9.96
N THR C 92 5.59 -1.17 9.19
CA THR C 92 4.89 -2.33 9.74
C THR C 92 5.44 -3.60 9.10
N THR C 93 5.53 -4.66 9.90
CA THR C 93 5.76 -6.02 9.35
C THR C 93 4.98 -7.00 10.23
N TYR C 94 5.03 -8.26 9.86
CA TYR C 94 4.25 -9.30 10.53
C TYR C 94 5.18 -10.44 11.02
N THR C 95 4.64 -11.24 11.91
CA THR C 95 5.16 -12.58 12.20
C THR C 95 4.03 -13.59 12.01
N ASN C 96 4.39 -14.79 11.59
CA ASN C 96 3.40 -15.90 11.51
C ASN C 96 3.04 -16.48 12.88
N LYS C 97 4.03 -16.53 13.75
CA LYS C 97 3.84 -16.96 15.13
C LYS C 97 4.50 -15.91 16.01
N GLU C 98 3.88 -15.63 17.17
CA GLU C 98 4.33 -14.54 18.03
CA GLU C 98 4.34 -14.55 18.03
C GLU C 98 5.84 -14.67 18.35
N ASN C 99 6.53 -13.55 18.29
CA ASN C 99 7.97 -13.43 18.62
C ASN C 99 9.00 -14.18 17.77
N GLU C 100 8.71 -14.43 16.51
CA GLU C 100 9.78 -14.84 15.58
C GLU C 100 10.54 -13.58 15.16
N LYS C 101 11.66 -13.77 14.50
CA LYS C 101 12.46 -12.66 13.96
C LYS C 101 11.72 -11.93 12.86
N ILE C 102 12.07 -10.64 12.72
CA ILE C 102 11.37 -9.77 11.78
C ILE C 102 12.43 -8.92 11.08
N LYS C 103 11.99 -8.30 10.00
CA LYS C 103 12.82 -7.37 9.24
C LYS C 103 11.90 -6.34 8.59
N PHE C 104 12.45 -5.16 8.41
CA PHE C 104 11.75 -4.03 7.81
C PHE C 104 12.48 -3.59 6.57
N THR C 105 11.72 -2.99 5.65
CA THR C 105 12.30 -2.25 4.55
C THR C 105 12.43 -0.79 5.01
N LEU C 106 13.64 -0.26 5.05
CA LEU C 106 13.89 1.04 5.71
C LEU C 106 14.02 2.18 4.71
N GLY C 107 13.28 2.12 3.61
CA GLY C 107 13.31 3.24 2.63
C GLY C 107 14.33 2.96 1.53
N GLY C 108 14.18 3.68 0.44
CA GLY C 108 15.10 3.55 -0.67
C GLY C 108 16.53 3.96 -0.28
N TYR C 109 17.49 3.38 -0.97
CA TYR C 109 18.90 3.83 -0.81
C TYR C 109 19.35 4.62 -2.03
N THR C 110 18.44 4.90 -2.99
CA THR C 110 18.80 5.73 -4.17
C THR C 110 18.01 7.02 -4.32
N SER C 111 17.15 7.38 -3.38
CA SER C 111 16.42 8.62 -3.44
C SER C 111 17.07 9.66 -2.52
N PHE C 112 16.43 10.08 -1.44
CA PHE C 112 16.98 11.13 -0.60
C PHE C 112 18.33 10.78 0.04
N ILE C 113 18.65 9.48 0.19
CA ILE C 113 19.91 9.05 0.76
C ILE C 113 21.10 9.48 -0.12
N ARG C 114 20.86 9.58 -1.43
CA ARG C 114 21.91 9.99 -2.41
C ARG C 114 21.64 11.32 -3.08
N ASN C 115 20.48 11.92 -2.85
CA ASN C 115 20.07 13.09 -3.58
C ASN C 115 19.30 13.93 -2.62
N ASN C 116 19.90 15.05 -2.18
CA ASN C 116 19.39 15.82 -1.05
C ASN C 116 17.93 16.19 -1.13
N THR C 117 17.38 16.40 -2.33
CA THR C 117 15.99 16.86 -2.45
C THR C 117 15.02 15.89 -3.11
N LYS C 118 15.43 14.62 -3.25
CA LYS C 118 14.67 13.63 -4.01
C LYS C 118 13.71 12.81 -3.10
N ASN C 119 12.43 12.87 -3.38
CA ASN C 119 11.38 12.09 -2.65
C ASN C 119 11.34 12.40 -1.16
N ILE C 120 11.50 13.66 -0.82
CA ILE C 120 11.64 14.05 0.61
C ILE C 120 11.02 15.42 0.76
N VAL C 121 10.38 15.67 1.89
CA VAL C 121 9.54 16.86 2.07
C VAL C 121 10.44 18.09 2.16
N TYR C 122 11.50 17.99 2.95
CA TYR C 122 12.52 19.01 3.09
C TYR C 122 13.84 18.43 2.70
N PRO C 123 14.81 19.29 2.31
CA PRO C 123 16.12 18.75 2.00
C PRO C 123 16.66 17.85 3.11
N PHE C 124 17.30 16.76 2.72
CA PHE C 124 17.81 15.78 3.69
C PHE C 124 18.71 16.35 4.77
N ASP C 125 19.53 17.36 4.42
CA ASP C 125 20.50 17.89 5.36
C ASP C 125 19.88 18.85 6.37
N GLN C 126 18.59 19.14 6.27
CA GLN C 126 17.90 19.87 7.33
C GLN C 126 17.46 18.95 8.48
N TYR C 127 17.51 17.62 8.30
CA TYR C 127 17.05 16.70 9.36
C TYR C 127 18.24 16.29 10.22
N ILE C 128 18.04 16.37 11.52
CA ILE C 128 19.03 15.91 12.48
C ILE C 128 18.75 14.58 13.09
N ALA C 129 17.58 14.02 12.83
CA ALA C 129 17.27 12.68 13.29
C ALA C 129 16.23 12.04 12.36
N HIS C 130 16.31 10.74 12.27
CA HIS C 130 15.40 9.91 11.49
C HIS C 130 14.91 8.77 12.40
N TRP C 131 13.66 8.88 12.86
CA TRP C 131 13.06 7.92 13.73
C TRP C 131 12.11 6.98 12.98
N ILE C 132 12.15 5.72 13.33
CA ILE C 132 11.22 4.74 12.82
C ILE C 132 10.30 4.36 13.95
N ILE C 133 8.99 4.51 13.72
CA ILE C 133 8.02 3.86 14.55
C ILE C 133 7.71 2.54 13.83
N GLY C 134 8.12 1.44 14.44
CA GLY C 134 7.92 0.15 13.91
C GLY C 134 6.81 -0.63 14.62
N TYR C 135 5.90 -1.18 13.82
CA TYR C 135 4.81 -2.05 14.32
C TYR C 135 5.11 -3.45 13.84
N VAL C 136 4.88 -4.43 14.74
CA VAL C 136 4.88 -5.81 14.36
C VAL C 136 3.60 -6.43 14.90
N TYR C 137 2.96 -7.26 14.08
CA TYR C 137 1.74 -7.96 14.49
C TYR C 137 1.83 -9.42 14.08
N THR C 138 1.06 -10.27 14.76
CA THR C 138 0.91 -11.66 14.32
C THR C 138 -0.30 -11.80 13.48
N ARG C 139 -0.15 -12.42 12.31
CA ARG C 139 -1.28 -12.52 11.38
C ARG C 139 -2.35 -13.50 11.90
N VAL C 140 -3.58 -13.24 11.52
CA VAL C 140 -4.74 -14.03 11.85
C VAL C 140 -5.60 -14.12 10.62
N ALA C 141 -5.85 -15.36 10.14
CA ALA C 141 -6.71 -15.54 8.92
C ALA C 141 -8.12 -14.98 9.17
N THR C 142 -8.69 -14.36 8.14
CA THR C 142 -10.00 -13.72 8.30
C THR C 142 -11.13 -14.75 8.50
N ARG C 143 -12.18 -14.29 9.16
CA ARG C 143 -13.42 -15.06 9.29
C ARG C 143 -14.51 -14.51 8.37
N LYS C 144 -15.53 -15.30 8.11
CA LYS C 144 -16.60 -14.88 7.19
C LYS C 144 -17.50 -13.78 7.80
N SER C 145 -17.61 -13.74 9.13
CA SER C 145 -18.26 -12.62 9.80
C SER C 145 -17.45 -11.30 9.63
N SER C 146 -16.25 -11.38 9.04
CA SER C 146 -15.54 -10.21 8.56
C SER C 146 -16.06 -9.71 7.20
N LEU C 147 -17.10 -10.33 6.63
CA LEU C 147 -17.68 -9.84 5.37
C LEU C 147 -19.09 -9.25 5.55
N LYS C 148 -19.43 -8.94 6.79
CA LYS C 148 -20.70 -8.33 7.17
C LYS C 148 -20.37 -6.88 7.49
N THR C 149 -21.40 -6.05 7.61
CA THR C 149 -21.28 -4.71 8.16
C THR C 149 -21.88 -4.65 9.56
N TYR C 150 -21.46 -3.63 10.31
CA TYR C 150 -21.79 -3.55 11.73
C TYR C 150 -22.24 -2.13 12.08
N ASN C 151 -22.98 -2.02 13.18
CA ASN C 151 -23.28 -0.74 13.77
C ASN C 151 -22.46 -0.55 15.04
N ILE C 152 -22.49 0.66 15.56
CA ILE C 152 -21.67 1.03 16.71
C ILE C 152 -21.90 0.16 17.96
N ASN C 153 -23.10 -0.40 18.11
CA ASN C 153 -23.38 -1.25 19.26
C ASN C 153 -22.85 -2.69 19.12
N GLU C 154 -22.25 -3.06 17.97
CA GLU C 154 -21.68 -4.37 17.75
C GLU C 154 -20.15 -4.34 17.67
N LEU C 155 -19.53 -3.26 18.13
CA LEU C 155 -18.05 -3.08 17.97
C LEU C 155 -17.26 -4.21 18.55
N ASN C 156 -17.69 -4.73 19.69
CA ASN C 156 -16.94 -5.81 20.33
C ASN C 156 -17.15 -7.19 19.72
N GLU C 157 -18.11 -7.33 18.80
CA GLU C 157 -18.26 -8.56 18.04
C GLU C 157 -17.42 -8.59 16.73
N ILE C 158 -16.73 -7.51 16.36
CA ILE C 158 -16.05 -7.51 15.06
C ILE C 158 -14.73 -8.25 15.17
N PRO C 159 -14.52 -9.28 14.33
CA PRO C 159 -13.25 -10.00 14.42
C PRO C 159 -12.13 -9.13 13.81
N LYS C 160 -10.96 -9.27 14.41
CA LYS C 160 -9.73 -8.51 14.04
C LYS C 160 -8.78 -9.42 13.30
N PRO C 161 -8.21 -8.96 12.17
CA PRO C 161 -7.30 -9.81 11.44
C PRO C 161 -5.89 -9.76 11.98
N TYR C 162 -5.71 -9.54 13.29
CA TYR C 162 -4.38 -9.40 13.84
C TYR C 162 -4.42 -9.77 15.31
N LYS C 163 -3.26 -10.03 15.87
CA LYS C 163 -3.12 -10.08 17.34
C LYS C 163 -1.69 -9.80 17.70
N GLY C 164 -1.41 -9.57 18.98
CA GLY C 164 -0.09 -9.45 19.48
C GLY C 164 0.69 -8.28 18.83
N VAL C 165 0.02 -7.14 18.69
CA VAL C 165 0.71 -5.97 18.12
C VAL C 165 1.70 -5.39 19.13
N LYS C 166 2.91 -5.09 18.65
CA LYS C 166 3.95 -4.48 19.43
C LYS C 166 4.50 -3.28 18.64
N VAL C 167 4.97 -2.28 19.37
CA VAL C 167 5.47 -1.04 18.76
C VAL C 167 6.82 -0.67 19.34
N PHE C 168 7.69 -0.12 18.51
CA PHE C 168 8.94 0.42 18.99
C PHE C 168 9.22 1.77 18.29
N LEU C 169 10.12 2.53 18.89
CA LEU C 169 10.63 3.81 18.31
CA LEU C 169 10.64 3.79 18.30
C LEU C 169 12.14 3.73 18.35
N GLN C 170 12.79 3.76 17.19
CA GLN C 170 14.25 3.67 17.11
C GLN C 170 14.79 4.53 15.98
N ASP C 171 16.06 4.95 16.09
CA ASP C 171 16.70 5.64 14.94
C ASP C 171 16.88 4.66 13.78
N LYS C 172 16.61 5.15 12.58
CA LYS C 172 16.79 4.34 11.39
C LYS C 172 18.22 3.71 11.31
N TRP C 173 19.25 4.50 11.57
CA TRP C 173 20.59 3.98 11.38
C TRP C 173 20.90 2.90 12.36
N VAL C 174 20.33 2.98 13.54
CA VAL C 174 20.63 2.02 14.59
C VAL C 174 20.12 0.63 14.27
N ILE C 175 18.95 0.53 13.62
CA ILE C 175 18.37 -0.75 13.26
C ILE C 175 18.65 -1.15 11.82
N ALA C 176 19.43 -0.34 11.10
CA ALA C 176 19.76 -0.67 9.71
C ALA C 176 20.70 -1.90 9.65
N GLY C 177 20.45 -2.77 8.69
CA GLY C 177 21.31 -3.89 8.39
C GLY C 177 22.16 -3.64 7.15
N ASP C 178 22.75 -4.72 6.63
CA ASP C 178 23.66 -4.62 5.51
C ASP C 178 23.20 -5.34 4.27
N LEU C 179 22.01 -5.93 4.30
CA LEU C 179 21.42 -6.60 3.11
C LEU C 179 20.19 -5.80 2.66
N ALA C 180 20.07 -5.57 1.36
CA ALA C 180 18.89 -4.83 0.88
C ALA C 180 17.59 -5.51 1.36
N GLY C 181 16.59 -4.69 1.60
CA GLY C 181 15.24 -5.16 1.97
C GLY C 181 14.32 -5.40 0.80
N SER C 182 14.72 -4.97 -0.41
CA SER C 182 14.01 -5.28 -1.64
C SER C 182 15.00 -5.13 -2.81
N GLY C 183 14.66 -5.72 -3.94
CA GLY C 183 15.53 -5.72 -5.11
C GLY C 183 15.19 -4.66 -6.09
N ASN C 184 14.10 -4.85 -6.86
CA ASN C 184 13.75 -3.90 -7.91
C ASN C 184 13.43 -2.51 -7.37
N THR C 185 13.06 -2.40 -6.09
CA THR C 185 12.76 -1.12 -5.48
C THR C 185 13.84 -0.69 -4.48
N THR C 186 15.01 -1.33 -4.52
CA THR C 186 16.26 -0.82 -3.93
C THR C 186 16.03 -0.19 -2.51
N ASN C 187 15.48 -0.99 -1.60
CA ASN C 187 15.29 -0.52 -0.21
C ASN C 187 16.43 -0.99 0.65
N ILE C 188 16.82 -0.13 1.60
CA ILE C 188 17.64 -0.51 2.75
C ILE C 188 16.89 -1.58 3.58
N GLY C 189 17.62 -2.58 4.04
CA GLY C 189 17.07 -3.63 4.90
C GLY C 189 17.50 -3.38 6.35
N SER C 190 16.59 -3.66 7.28
CA SER C 190 16.91 -3.61 8.68
C SER C 190 17.70 -4.86 9.07
N ILE C 191 18.19 -4.86 10.32
CA ILE C 191 18.64 -6.13 10.91
C ILE C 191 17.53 -7.15 10.80
N HIS C 192 17.87 -8.43 10.78
CA HIS C 192 16.93 -9.48 10.87
C HIS C 192 17.03 -10.04 12.30
N ALA C 193 16.02 -9.78 13.10
CA ALA C 193 16.19 -9.88 14.60
C ALA C 193 14.87 -9.90 15.32
N HIS C 194 14.92 -10.19 16.64
CA HIS C 194 13.75 -10.17 17.44
C HIS C 194 13.37 -8.75 17.82
N TYR C 195 12.07 -8.56 18.09
CA TYR C 195 11.52 -7.28 18.49
C TYR C 195 12.32 -6.60 19.55
N LYS C 196 12.76 -7.36 20.57
CA LYS C 196 13.61 -6.78 21.60
C LYS C 196 14.87 -6.20 21.11
N ASP C 197 15.48 -6.79 20.08
CA ASP C 197 16.72 -6.21 19.49
C ASP C 197 16.52 -4.85 18.83
N PHE C 198 15.32 -4.58 18.31
CA PHE C 198 15.04 -3.26 17.79
C PHE C 198 14.87 -2.28 18.93
N VAL C 199 14.12 -2.65 19.94
CA VAL C 199 13.92 -1.81 21.14
C VAL C 199 15.26 -1.45 21.73
N GLU C 200 16.12 -2.46 21.88
CA GLU C 200 17.43 -2.26 22.55
C GLU C 200 18.48 -1.60 21.66
N GLY C 201 18.24 -1.54 20.35
CA GLY C 201 19.20 -0.95 19.42
C GLY C 201 20.44 -1.80 19.11
N LYS C 202 20.28 -3.13 19.03
CA LYS C 202 21.42 -4.04 18.80
C LYS C 202 21.61 -4.18 17.32
N GLY C 203 22.20 -3.16 16.75
CA GLY C 203 22.43 -3.09 15.30
C GLY C 203 23.88 -3.46 14.99
N ILE C 204 24.31 -3.09 13.81
CA ILE C 204 25.63 -3.47 13.31
C ILE C 204 26.50 -2.28 13.00
N PHE C 205 25.91 -1.13 12.70
CA PHE C 205 26.71 0.01 12.29
C PHE C 205 27.35 0.68 13.53
N ASP C 206 28.59 1.16 13.36
CA ASP C 206 29.30 1.84 14.45
C ASP C 206 28.76 3.24 14.69
N SER C 207 28.16 3.85 13.66
CA SER C 207 27.80 5.29 13.66
C SER C 207 26.80 5.56 12.56
N GLU C 208 26.11 6.68 12.63
CA GLU C 208 25.20 7.06 11.57
C GLU C 208 25.97 7.40 10.30
N ASP C 209 27.16 7.96 10.47
CA ASP C 209 28.06 8.18 9.29
C ASP C 209 28.39 6.84 8.58
N GLU C 210 28.67 5.78 9.33
CA GLU C 210 29.03 4.53 8.70
C GLU C 210 27.80 3.94 7.94
N PHE C 211 26.63 4.01 8.57
CA PHE C 211 25.35 3.62 7.93
C PHE C 211 25.15 4.36 6.60
N LEU C 212 25.32 5.68 6.60
CA LEU C 212 25.09 6.41 5.38
C LEU C 212 26.11 6.07 4.30
N ASP C 213 27.38 5.93 4.69
CA ASP C 213 28.40 5.63 3.70
C ASP C 213 28.17 4.23 3.10
N TYR C 214 27.80 3.27 3.92
CA TYR C 214 27.48 1.91 3.46
C TYR C 214 26.38 1.97 2.39
N TRP C 215 25.26 2.61 2.72
CA TRP C 215 24.13 2.55 1.81
C TRP C 215 24.25 3.53 0.64
N ARG C 216 25.06 4.56 0.77
CA ARG C 216 25.41 5.44 -0.39
C ARG C 216 26.27 4.78 -1.42
N ASN C 217 27.00 3.74 -1.05
CA ASN C 217 27.94 3.07 -1.96
C ASN C 217 27.61 1.60 -2.22
N TYR C 218 26.45 1.15 -1.70
CA TYR C 218 25.93 -0.19 -1.98
C TYR C 218 25.46 -0.31 -3.41
N GLU C 219 25.99 -1.30 -4.13
CA GLU C 219 25.59 -1.50 -5.52
C GLU C 219 24.27 -2.27 -5.58
N ARG C 220 23.58 -2.13 -6.68
CA ARG C 220 22.14 -2.52 -6.74
C ARG C 220 21.93 -4.02 -6.94
N THR C 221 22.92 -4.74 -7.47
CA THR C 221 22.74 -6.16 -7.82
C THR C 221 23.89 -6.97 -7.17
N SER C 222 23.65 -8.27 -7.01
CA SER C 222 24.63 -9.16 -6.44
C SER C 222 25.92 -9.15 -7.28
N GLN C 223 25.78 -9.06 -8.61
CA GLN C 223 26.96 -9.16 -9.45
C GLN C 223 27.84 -7.96 -9.22
N LEU C 224 27.23 -6.79 -9.24
CA LEU C 224 27.99 -5.57 -8.95
C LEU C 224 28.58 -5.55 -7.55
N ARG C 225 27.84 -6.03 -6.55
CA ARG C 225 28.34 -5.97 -5.19
C ARG C 225 29.54 -6.91 -4.97
N ASN C 226 29.67 -7.96 -5.77
CA ASN C 226 30.63 -9.02 -5.49
C ASN C 226 32.08 -8.51 -5.62
N ASP C 227 32.26 -7.51 -6.47
CA ASP C 227 33.57 -6.89 -6.68
C ASP C 227 33.76 -5.61 -5.85
N LYS C 228 32.83 -5.31 -4.92
CA LYS C 228 32.92 -4.15 -4.07
C LYS C 228 32.70 -4.57 -2.62
N TYR C 229 31.44 -4.64 -2.17
CA TYR C 229 31.16 -5.27 -0.93
C TYR C 229 29.71 -5.74 -0.89
N ASN C 230 29.49 -6.85 -0.21
CA ASN C 230 28.18 -7.46 -0.05
C ASN C 230 27.60 -7.47 1.37
N ASN C 231 28.41 -7.13 2.37
CA ASN C 231 27.98 -7.12 3.76
C ASN C 231 28.91 -6.20 4.54
N ILE C 232 28.66 -6.05 5.83
CA ILE C 232 29.34 -5.06 6.64
CA ILE C 232 29.36 -5.03 6.58
C ILE C 232 30.83 -5.41 6.80
N SER C 233 31.12 -6.70 6.90
CA SER C 233 32.56 -7.12 7.00
C SER C 233 33.32 -6.75 5.74
N GLU C 234 32.74 -7.06 4.58
CA GLU C 234 33.36 -6.71 3.32
C GLU C 234 33.43 -5.21 3.10
N TYR C 235 32.46 -4.46 3.62
CA TYR C 235 32.51 -3.03 3.52
C TYR C 235 33.70 -2.47 4.35
N ARG C 236 33.81 -2.92 5.58
CA ARG C 236 34.91 -2.47 6.49
C ARG C 236 36.30 -2.87 5.92
N ASN C 237 36.37 -3.99 5.22
CA ASN C 237 37.56 -4.35 4.46
C ASN C 237 37.78 -3.49 3.22
N TRP C 238 36.73 -3.19 2.49
CA TRP C 238 36.78 -2.23 1.38
C TRP C 238 37.28 -0.88 1.86
N ILE C 239 36.85 -0.45 3.06
CA ILE C 239 37.33 0.82 3.63
C ILE C 239 38.83 0.68 3.95
N TYR C 240 39.26 -0.45 4.53
CA TYR C 240 40.69 -0.53 4.90
C TYR C 240 41.62 -0.60 3.70
N ARG C 241 41.16 -1.19 2.60
CA ARG C 241 41.89 -1.17 1.35
C ARG C 241 41.92 0.22 0.72
N GLY C 242 41.25 1.21 1.32
CA GLY C 242 41.15 2.54 0.72
C GLY C 242 40.11 2.64 -0.37
N ARG C 243 38.88 2.18 -0.10
CA ARG C 243 37.73 2.36 -0.98
C ARG C 243 37.98 2.02 -2.44
N LYS C 244 38.65 0.89 -2.68
CA LYS C 244 39.15 0.60 -4.04
C LYS C 244 38.06 0.32 -5.07
N SER D 1 -28.56 -9.83 -13.29
CA SER D 1 -27.39 -10.76 -13.25
C SER D 1 -26.51 -10.44 -12.04
N LEU D 2 -25.54 -11.31 -11.81
CA LEU D 2 -24.51 -11.01 -10.82
C LEU D 2 -23.85 -9.67 -11.11
N ARG D 3 -23.45 -9.46 -12.36
CA ARG D 3 -22.80 -8.24 -12.76
C ARG D 3 -23.64 -6.98 -12.60
N SER D 4 -24.85 -6.99 -13.13
CA SER D 4 -25.73 -5.78 -13.04
C SER D 4 -26.09 -5.45 -11.60
N ASP D 5 -26.39 -6.46 -10.81
CA ASP D 5 -26.70 -6.24 -9.40
C ASP D 5 -25.48 -5.72 -8.63
N LEU D 6 -24.30 -6.25 -8.95
CA LEU D 6 -23.08 -5.76 -8.32
C LEU D 6 -22.80 -4.30 -8.61
N ILE D 7 -22.83 -3.90 -9.86
CA ILE D 7 -22.55 -2.51 -10.17
C ILE D 7 -23.63 -1.56 -9.55
N ASN D 8 -24.87 -1.97 -9.63
CA ASN D 8 -25.94 -1.19 -8.95
C ASN D 8 -25.70 -1.05 -7.46
N ALA D 9 -25.29 -2.14 -6.82
CA ALA D 9 -25.07 -2.12 -5.38
C ALA D 9 -23.87 -1.22 -5.04
N LEU D 10 -22.84 -1.21 -5.92
CA LEU D 10 -21.63 -0.44 -5.70
C LEU D 10 -21.95 1.03 -5.87
N TYR D 11 -22.65 1.38 -6.94
CA TYR D 11 -23.08 2.78 -7.09
C TYR D 11 -23.94 3.26 -5.87
N ASP D 12 -24.89 2.45 -5.44
CA ASP D 12 -25.83 2.89 -4.37
C ASP D 12 -25.12 3.04 -3.02
N GLU D 13 -24.27 2.08 -2.69
CA GLU D 13 -23.51 2.18 -1.46
C GLU D 13 -22.60 3.41 -1.44
N ASN D 14 -21.91 3.69 -2.54
CA ASN D 14 -21.04 4.88 -2.56
C ASN D 14 -21.81 6.19 -2.54
N GLN D 15 -22.97 6.23 -3.14
CA GLN D 15 -23.84 7.41 -2.93
C GLN D 15 -24.20 7.59 -1.45
N LYS D 16 -24.60 6.51 -0.81
CA LYS D 16 -25.21 6.53 0.53
C LYS D 16 -24.23 6.78 1.68
N TYR D 17 -22.97 6.32 1.55
CA TYR D 17 -22.09 6.22 2.70
C TYR D 17 -20.74 6.84 2.39
N ASP D 18 -20.24 7.62 3.36
CA ASP D 18 -18.91 8.29 3.22
C ASP D 18 -17.97 7.88 4.36
N VAL D 19 -16.96 7.07 4.05
CA VAL D 19 -16.02 6.64 5.08
C VAL D 19 -15.22 7.83 5.56
N CYS D 20 -15.06 7.92 6.87
CA CYS D 20 -14.42 9.07 7.47
C CYS D 20 -13.38 8.76 8.50
N GLY D 21 -13.14 7.49 8.83
CA GLY D 21 -12.12 7.18 9.84
C GLY D 21 -11.99 5.70 10.10
N ILE D 22 -11.02 5.34 10.97
CA ILE D 22 -10.95 4.01 11.52
C ILE D 22 -11.47 4.07 12.96
N ILE D 23 -12.10 3.01 13.39
CA ILE D 23 -12.71 2.99 14.70
C ILE D 23 -12.12 1.87 15.54
N SER D 24 -11.89 2.16 16.82
CA SER D 24 -11.48 1.10 17.72
C SER D 24 -12.68 0.46 18.39
N ALA D 25 -12.44 -0.70 19.00
CA ALA D 25 -13.53 -1.42 19.68
C ALA D 25 -14.04 -0.65 20.90
N GLU D 26 -13.18 0.18 21.46
CA GLU D 26 -13.50 1.06 22.55
C GLU D 26 -14.25 2.34 22.11
N GLY D 27 -14.41 2.57 20.79
CA GLY D 27 -15.23 3.65 20.29
C GLY D 27 -14.50 4.92 19.87
N LYS D 28 -13.17 4.91 19.93
CA LYS D 28 -12.40 6.07 19.53
C LYS D 28 -12.11 6.02 18.01
N ILE D 29 -12.23 7.18 17.34
CA ILE D 29 -12.12 7.27 15.89
C ILE D 29 -10.90 8.08 15.51
N TYR D 30 -10.14 7.56 14.54
CA TYR D 30 -8.93 8.15 14.05
C TYR D 30 -9.16 8.53 12.58
N PRO D 31 -8.89 9.79 12.20
CA PRO D 31 -9.27 10.19 10.86
C PRO D 31 -8.41 9.64 9.77
N LEU D 32 -8.84 9.87 8.54
CA LEU D 32 -8.13 9.35 7.39
C LEU D 32 -7.06 10.32 6.94
N GLY D 33 -5.90 9.81 6.57
CA GLY D 33 -4.90 10.58 5.85
C GLY D 33 -5.16 10.60 4.35
N SER D 34 -4.36 11.38 3.66
CA SER D 34 -4.51 11.63 2.21
C SER D 34 -3.62 10.67 1.40
N ASP D 35 -2.70 9.96 2.05
CA ASP D 35 -1.84 9.06 1.30
C ASP D 35 -2.70 8.16 0.41
N THR D 36 -2.27 8.02 -0.83
CA THR D 36 -2.87 7.13 -1.87
C THR D 36 -3.15 5.69 -1.34
N LYS D 37 -2.22 5.17 -0.58
CA LYS D 37 -2.37 3.87 0.08
C LYS D 37 -3.60 3.84 1.00
N VAL D 38 -3.91 4.97 1.64
CA VAL D 38 -5.03 5.06 2.54
C VAL D 38 -6.36 4.93 1.81
N LEU D 39 -6.58 5.70 0.76
CA LEU D 39 -7.86 5.68 0.10
C LEU D 39 -8.10 4.32 -0.56
N SER D 40 -7.07 3.79 -1.22
CA SER D 40 -7.20 2.48 -1.87
C SER D 40 -7.64 1.44 -0.85
N THR D 41 -7.01 1.47 0.31
CA THR D 41 -7.35 0.55 1.37
C THR D 41 -8.80 0.74 1.82
N ILE D 42 -9.22 1.97 2.02
CA ILE D 42 -10.59 2.23 2.45
C ILE D 42 -11.63 1.82 1.39
N PHE D 43 -11.33 2.03 0.14
CA PHE D 43 -12.33 1.63 -0.89
C PHE D 43 -12.43 0.14 -1.04
N GLU D 44 -11.33 -0.58 -0.84
CA GLU D 44 -11.37 -2.02 -0.86
C GLU D 44 -12.18 -2.58 0.31
N LEU D 45 -11.93 -2.08 1.53
CA LEU D 45 -12.69 -2.52 2.67
C LEU D 45 -14.19 -2.20 2.56
N PHE D 46 -14.50 -1.03 1.98
CA PHE D 46 -15.88 -0.60 1.78
C PHE D 46 -16.58 -1.58 0.83
N SER D 47 -15.82 -2.12 -0.13
CA SER D 47 -16.38 -2.95 -1.17
C SER D 47 -16.63 -4.38 -0.77
N ARG D 48 -15.81 -4.92 0.15
CA ARG D 48 -15.90 -6.31 0.55
C ARG D 48 -17.30 -6.76 0.90
N PRO D 49 -17.99 -6.11 1.84
CA PRO D 49 -19.35 -6.61 2.19
C PRO D 49 -20.33 -6.58 1.04
N ILE D 50 -20.23 -5.59 0.17
CA ILE D 50 -21.12 -5.45 -0.97
C ILE D 50 -20.91 -6.61 -1.98
N ILE D 51 -19.66 -6.91 -2.30
CA ILE D 51 -19.33 -8.02 -3.13
C ILE D 51 -19.88 -9.35 -2.54
N ASN D 52 -19.69 -9.55 -1.25
CA ASN D 52 -20.10 -10.80 -0.63
C ASN D 52 -21.63 -10.90 -0.64
N LYS D 53 -22.29 -9.77 -0.40
CA LYS D 53 -23.77 -9.76 -0.36
C LYS D 53 -24.35 -10.18 -1.71
N ILE D 54 -23.88 -9.55 -2.77
CA ILE D 54 -24.44 -9.83 -4.08
C ILE D 54 -24.06 -11.22 -4.55
N ALA D 55 -22.82 -11.64 -4.26
CA ALA D 55 -22.40 -12.93 -4.69
C ALA D 55 -23.26 -14.04 -4.04
N GLU D 56 -23.53 -13.90 -2.76
CA GLU D 56 -24.37 -14.86 -2.02
C GLU D 56 -25.76 -14.88 -2.58
N LYS D 57 -26.34 -13.71 -2.85
CA LYS D 57 -27.68 -13.64 -3.54
C LYS D 57 -27.74 -14.52 -4.78
N HIS D 58 -26.66 -14.52 -5.59
CA HIS D 58 -26.65 -15.25 -6.86
C HIS D 58 -26.07 -16.64 -6.77
N GLY D 59 -25.80 -17.12 -5.56
CA GLY D 59 -25.34 -18.49 -5.31
C GLY D 59 -23.85 -18.73 -5.59
N TYR D 60 -23.02 -17.69 -5.43
CA TYR D 60 -21.54 -17.81 -5.65
C TYR D 60 -20.81 -17.85 -4.32
N ILE D 61 -19.90 -18.82 -4.18
CA ILE D 61 -18.92 -18.86 -3.09
C ILE D 61 -17.95 -17.69 -3.31
N VAL D 62 -17.53 -17.06 -2.21
CA VAL D 62 -16.61 -15.93 -2.22
C VAL D 62 -15.34 -16.29 -1.47
N GLU D 63 -14.19 -16.14 -2.12
CA GLU D 63 -12.92 -16.46 -1.46
C GLU D 63 -11.93 -15.31 -1.71
N GLU D 64 -11.29 -14.87 -0.63
CA GLU D 64 -10.19 -13.91 -0.73
C GLU D 64 -8.90 -14.66 -0.70
N PRO D 65 -7.80 -13.99 -1.08
CA PRO D 65 -6.50 -14.73 -1.08
C PRO D 65 -6.11 -15.24 0.30
N LYS D 66 -5.49 -16.40 0.30
CA LYS D 66 -4.97 -16.98 1.51
C LYS D 66 -3.54 -16.51 1.77
N GLN D 67 -2.82 -16.24 0.71
CA GLN D 67 -1.43 -15.80 0.80
C GLN D 67 -1.42 -14.34 0.39
N GLN D 68 -0.49 -13.59 0.97
CA GLN D 68 -0.30 -12.22 0.54
C GLN D 68 0.27 -12.21 -0.86
N ASN D 69 -0.06 -11.19 -1.58
CA ASN D 69 0.48 -10.97 -2.94
C ASN D 69 0.02 -11.99 -3.97
N HIS D 70 -1.19 -12.50 -3.76
CA HIS D 70 -1.91 -13.25 -4.77
C HIS D 70 -3.07 -12.36 -5.29
N TYR D 71 -3.23 -12.35 -6.58
CA TYR D 71 -4.45 -11.82 -7.30
C TYR D 71 -5.44 -12.97 -7.29
N PRO D 72 -6.74 -12.67 -7.27
CA PRO D 72 -7.41 -11.36 -7.20
C PRO D 72 -8.05 -11.11 -5.82
N ASP D 73 -8.56 -9.89 -5.58
CA ASP D 73 -9.13 -9.59 -4.29
C ASP D 73 -10.29 -10.56 -3.93
N PHE D 74 -11.07 -10.95 -4.94
CA PHE D 74 -12.22 -11.85 -4.76
C PHE D 74 -12.28 -12.83 -5.91
N THR D 75 -12.41 -14.09 -5.54
CA THR D 75 -12.66 -15.17 -6.48
C THR D 75 -14.08 -15.66 -6.19
N LEU D 76 -14.97 -15.56 -7.19
CA LEU D 76 -16.34 -16.07 -7.03
C LEU D 76 -16.53 -17.31 -7.92
N TYR D 77 -17.25 -18.30 -7.40
CA TYR D 77 -17.66 -19.42 -8.28
C TYR D 77 -18.90 -20.10 -7.72
N LYS D 78 -19.72 -20.63 -8.62
CA LYS D 78 -20.82 -21.50 -8.14
C LYS D 78 -20.24 -22.87 -7.79
N PRO D 79 -20.73 -23.48 -6.69
CA PRO D 79 -20.14 -24.74 -6.28
C PRO D 79 -20.25 -25.84 -7.32
N SER D 80 -21.27 -25.75 -8.15
CA SER D 80 -21.50 -26.69 -9.22
C SER D 80 -20.64 -26.43 -10.48
N GLU D 81 -19.96 -25.28 -10.54
CA GLU D 81 -19.17 -24.89 -11.73
C GLU D 81 -17.86 -24.28 -11.28
N PRO D 82 -17.03 -25.08 -10.61
CA PRO D 82 -15.78 -24.53 -10.04
C PRO D 82 -14.76 -24.15 -11.06
N ASN D 83 -14.96 -24.55 -12.34
CA ASN D 83 -14.04 -24.14 -13.38
C ASN D 83 -14.51 -22.92 -14.15
N LYS D 84 -15.53 -22.23 -13.65
CA LYS D 84 -15.93 -20.95 -14.22
C LYS D 84 -15.80 -19.90 -13.11
N LYS D 85 -14.59 -19.64 -12.71
CA LYS D 85 -14.38 -18.66 -11.65
C LYS D 85 -14.36 -17.25 -12.21
N ILE D 86 -14.86 -16.30 -11.41
CA ILE D 86 -14.84 -14.89 -11.75
C ILE D 86 -13.88 -14.19 -10.78
N ALA D 87 -12.89 -13.50 -11.34
CA ALA D 87 -12.01 -12.69 -10.57
C ALA D 87 -12.58 -11.27 -10.47
N ILE D 88 -12.52 -10.68 -9.29
CA ILE D 88 -13.00 -9.30 -9.12
C ILE D 88 -11.89 -8.63 -8.31
N ASP D 89 -11.31 -7.61 -8.90
CA ASP D 89 -10.14 -6.96 -8.31
C ASP D 89 -10.41 -5.43 -8.27
N ILE D 90 -10.08 -4.82 -7.13
CA ILE D 90 -10.42 -3.45 -6.86
C ILE D 90 -9.22 -2.55 -7.12
N LYS D 91 -9.42 -1.51 -7.94
CA LYS D 91 -8.33 -0.58 -8.25
C LYS D 91 -8.76 0.87 -8.06
N THR D 92 -7.80 1.75 -7.69
CA THR D 92 -8.07 3.15 -7.30
C THR D 92 -7.07 4.07 -7.93
N THR D 93 -7.55 5.24 -8.35
CA THR D 93 -6.68 6.33 -8.77
C THR D 93 -7.38 7.64 -8.44
N TYR D 94 -6.70 8.73 -8.69
CA TYR D 94 -7.17 10.03 -8.25
C TYR D 94 -7.21 10.98 -9.46
N THR D 95 -7.94 12.07 -9.27
CA THR D 95 -7.82 13.24 -10.09
C THR D 95 -7.56 14.47 -9.18
N ASN D 96 -6.91 15.48 -9.74
CA ASN D 96 -6.72 16.76 -9.03
C ASN D 96 -7.98 17.61 -9.05
N LYS D 97 -8.69 17.58 -10.17
CA LYS D 97 -9.95 18.29 -10.34
C LYS D 97 -10.98 17.30 -10.86
N GLU D 98 -12.25 17.57 -10.62
CA GLU D 98 -13.33 16.72 -11.09
C GLU D 98 -13.20 16.42 -12.58
N ASN D 99 -13.45 15.16 -12.94
N ASN D 99 -13.46 15.15 -12.90
CA ASN D 99 -13.60 14.76 -14.36
CA ASN D 99 -13.54 14.64 -14.28
C ASN D 99 -12.34 14.78 -15.22
C ASN D 99 -12.34 14.96 -15.18
N GLU D 100 -11.14 14.86 -14.62
CA GLU D 100 -9.90 14.79 -15.40
C GLU D 100 -9.72 13.34 -15.94
N LYS D 101 -8.89 13.19 -16.94
CA LYS D 101 -8.51 11.84 -17.42
C LYS D 101 -7.79 11.04 -16.33
N ILE D 102 -8.02 9.72 -16.35
CA ILE D 102 -7.41 8.79 -15.41
C ILE D 102 -6.83 7.60 -16.11
N LYS D 103 -5.99 6.87 -15.37
CA LYS D 103 -5.39 5.65 -15.88
C LYS D 103 -5.12 4.77 -14.70
N PHE D 104 -5.08 3.47 -14.95
CA PHE D 104 -4.97 2.45 -13.88
C PHE D 104 -3.82 1.52 -14.25
N THR D 105 -3.19 0.98 -13.20
CA THR D 105 -2.27 -0.13 -13.33
C THR D 105 -3.10 -1.41 -13.22
N LEU D 106 -3.15 -2.21 -14.27
CA LEU D 106 -4.07 -3.34 -14.36
C LEU D 106 -3.34 -4.67 -14.05
N GLY D 107 -2.39 -4.67 -13.09
CA GLY D 107 -1.75 -5.90 -12.70
C GLY D 107 -0.50 -6.22 -13.52
N GLY D 108 0.32 -7.14 -13.00
CA GLY D 108 1.54 -7.48 -13.69
C GLY D 108 1.30 -8.14 -15.04
N TYR D 109 2.27 -7.99 -15.95
CA TYR D 109 2.21 -8.77 -17.20
C TYR D 109 3.22 -9.87 -17.24
N THR D 110 3.91 -10.14 -16.14
CA THR D 110 4.85 -11.25 -16.15
C THR D 110 4.56 -12.34 -15.10
N SER D 111 3.45 -12.24 -14.40
CA SER D 111 3.11 -13.21 -13.38
C SER D 111 2.08 -14.19 -13.94
N PHE D 112 0.85 -14.16 -13.40
CA PHE D 112 -0.16 -15.12 -13.79
C PHE D 112 -0.53 -15.09 -15.28
N ILE D 113 -0.32 -13.95 -15.97
CA ILE D 113 -0.66 -14.00 -17.39
C ILE D 113 0.37 -14.76 -18.23
N ARG D 114 1.55 -15.02 -17.69
CA ARG D 114 2.55 -15.83 -18.35
C ARG D 114 2.84 -17.17 -17.65
N ASN D 115 2.34 -17.38 -16.44
CA ASN D 115 2.60 -18.63 -15.70
C ASN D 115 1.32 -18.93 -14.94
N ASN D 116 0.70 -20.04 -15.31
CA ASN D 116 -0.67 -20.34 -14.91
C ASN D 116 -0.88 -20.28 -13.37
N THR D 117 0.16 -20.50 -12.56
CA THR D 117 -0.02 -20.58 -11.14
C THR D 117 0.77 -19.56 -10.32
N LYS D 118 1.24 -18.50 -10.97
CA LYS D 118 2.10 -17.52 -10.34
C LYS D 118 1.34 -16.30 -9.80
N ASN D 119 1.40 -16.10 -8.49
CA ASN D 119 0.81 -14.91 -7.84
C ASN D 119 -0.69 -14.84 -8.01
N ILE D 120 -1.33 -16.01 -8.02
CA ILE D 120 -2.77 -16.10 -8.23
C ILE D 120 -3.37 -17.20 -7.34
N VAL D 121 -4.57 -16.92 -6.86
CA VAL D 121 -5.22 -17.81 -5.80
C VAL D 121 -5.49 -19.19 -6.36
N TYR D 122 -6.03 -19.24 -7.55
CA TYR D 122 -6.25 -20.47 -8.31
C TYR D 122 -5.59 -20.35 -9.67
N PRO D 123 -5.36 -21.48 -10.33
CA PRO D 123 -4.78 -21.43 -11.69
C PRO D 123 -5.57 -20.53 -12.58
N PHE D 124 -4.84 -19.77 -13.38
CA PHE D 124 -5.42 -18.73 -14.23
C PHE D 124 -6.44 -19.32 -15.19
N ASP D 125 -6.20 -20.57 -15.64
CA ASP D 125 -7.15 -21.16 -16.59
C ASP D 125 -8.44 -21.61 -15.98
N GLN D 126 -8.60 -21.50 -14.65
CA GLN D 126 -9.90 -21.70 -14.01
C GLN D 126 -10.79 -20.47 -13.97
N TYR D 127 -10.26 -19.30 -14.30
CA TYR D 127 -11.01 -18.08 -14.39
C TYR D 127 -11.51 -17.84 -15.81
N ILE D 128 -12.80 -17.56 -15.90
CA ILE D 128 -13.42 -17.18 -17.17
C ILE D 128 -13.73 -15.71 -17.34
N ALA D 129 -13.48 -14.90 -16.33
CA ALA D 129 -13.73 -13.51 -16.41
C ALA D 129 -12.89 -12.81 -15.36
N HIS D 130 -12.49 -11.60 -15.69
CA HIS D 130 -11.65 -10.77 -14.82
C HIS D 130 -12.27 -9.40 -14.81
N TRP D 131 -12.89 -9.06 -13.70
CA TRP D 131 -13.58 -7.78 -13.52
C TRP D 131 -12.74 -6.82 -12.69
N ILE D 132 -12.64 -5.60 -13.15
CA ILE D 132 -12.07 -4.50 -12.36
C ILE D 132 -13.18 -3.67 -11.79
N ILE D 133 -13.16 -3.47 -10.46
CA ILE D 133 -13.94 -2.42 -9.85
C ILE D 133 -12.96 -1.27 -9.70
N GLY D 134 -13.20 -0.19 -10.45
CA GLY D 134 -12.35 0.95 -10.47
C GLY D 134 -12.98 2.04 -9.63
N TYR D 135 -12.20 2.60 -8.71
CA TYR D 135 -12.58 3.80 -7.96
C TYR D 135 -11.77 4.98 -8.41
N VAL D 136 -12.44 6.14 -8.50
CA VAL D 136 -11.81 7.39 -8.78
C VAL D 136 -12.32 8.40 -7.74
N TYR D 137 -11.39 9.21 -7.24
CA TYR D 137 -11.67 10.29 -6.30
C TYR D 137 -10.88 11.51 -6.65
N THR D 138 -11.39 12.67 -6.24
CA THR D 138 -10.63 13.90 -6.32
C THR D 138 -10.00 14.16 -4.97
N ARG D 139 -8.73 14.49 -5.00
CA ARG D 139 -7.97 14.71 -3.78
C ARG D 139 -8.47 16.00 -3.07
N VAL D 140 -8.44 15.96 -1.76
CA VAL D 140 -8.72 17.11 -0.89
C VAL D 140 -7.59 17.16 0.16
N ALA D 141 -6.88 18.29 0.20
CA ALA D 141 -5.81 18.54 1.16
C ALA D 141 -6.30 18.21 2.59
N THR D 142 -5.43 17.61 3.38
CA THR D 142 -5.73 17.31 4.78
C THR D 142 -5.80 18.59 5.60
N ARG D 143 -6.58 18.54 6.65
CA ARG D 143 -6.75 19.64 7.60
C ARG D 143 -5.93 19.26 8.83
N LYS D 144 -5.43 20.28 9.55
CA LYS D 144 -4.86 20.05 10.88
C LYS D 144 -5.82 19.29 11.81
N SER D 145 -7.13 19.49 11.65
CA SER D 145 -8.11 18.78 12.46
C SER D 145 -8.21 17.27 12.11
N SER D 146 -7.56 16.83 11.04
CA SER D 146 -7.41 15.39 10.82
C SER D 146 -6.40 14.75 11.78
N LEU D 147 -5.78 15.54 12.65
CA LEU D 147 -4.80 15.02 13.57
C LEU D 147 -5.31 14.92 15.00
N LYS D 148 -6.63 14.94 15.20
CA LYS D 148 -7.18 14.59 16.51
C LYS D 148 -8.05 13.37 16.38
N THR D 149 -8.41 12.83 17.54
CA THR D 149 -9.32 11.72 17.64
C THR D 149 -10.72 12.21 17.94
N TYR D 150 -11.70 11.42 17.54
CA TYR D 150 -13.12 11.81 17.62
C TYR D 150 -13.91 10.72 18.30
N ASN D 151 -15.09 11.08 18.77
CA ASN D 151 -16.04 10.09 19.30
C ASN D 151 -17.22 9.93 18.37
N ILE D 152 -18.02 8.91 18.64
CA ILE D 152 -19.11 8.49 17.76
C ILE D 152 -20.16 9.61 17.54
N ASN D 153 -20.21 10.60 18.44
CA ASN D 153 -21.14 11.72 18.25
C ASN D 153 -20.60 12.86 17.41
N GLU D 154 -19.34 12.74 16.94
CA GLU D 154 -18.68 13.77 16.14
C GLU D 154 -18.41 13.34 14.71
N LEU D 155 -19.02 12.25 14.25
CA LEU D 155 -18.69 11.68 12.94
C LEU D 155 -18.78 12.67 11.78
N ASN D 156 -19.81 13.51 11.76
CA ASN D 156 -19.94 14.48 10.64
C ASN D 156 -18.93 15.64 10.72
N GLU D 157 -18.21 15.79 11.83
CA GLU D 157 -17.20 16.81 11.96
C GLU D 157 -15.83 16.40 11.42
N ILE D 158 -15.65 15.12 11.08
CA ILE D 158 -14.33 14.67 10.68
C ILE D 158 -14.09 15.08 9.23
N PRO D 159 -12.99 15.77 8.95
CA PRO D 159 -12.70 16.14 7.55
C PRO D 159 -12.28 14.90 6.74
N LYS D 160 -12.65 14.89 5.46
CA LYS D 160 -12.35 13.75 4.58
C LYS D 160 -11.38 14.20 3.54
N PRO D 161 -10.36 13.38 3.24
CA PRO D 161 -9.33 13.77 2.29
C PRO D 161 -9.68 13.43 0.85
N TYR D 162 -10.96 13.39 0.54
CA TYR D 162 -11.39 13.08 -0.82
C TYR D 162 -12.74 13.71 -1.05
N LYS D 163 -13.13 13.77 -2.32
CA LYS D 163 -14.54 14.12 -2.69
C LYS D 163 -14.77 13.54 -4.09
N GLY D 164 -16.03 13.55 -4.52
CA GLY D 164 -16.36 13.18 -5.86
C GLY D 164 -16.01 11.71 -6.23
N VAL D 165 -16.28 10.79 -5.35
CA VAL D 165 -15.91 9.39 -5.59
C VAL D 165 -16.86 8.84 -6.66
N LYS D 166 -16.29 8.16 -7.65
CA LYS D 166 -17.08 7.46 -8.65
C LYS D 166 -16.53 6.05 -8.75
N VAL D 167 -17.40 5.11 -9.12
CA VAL D 167 -17.01 3.71 -9.21
C VAL D 167 -17.51 3.13 -10.50
N PHE D 168 -16.73 2.21 -11.10
CA PHE D 168 -17.22 1.42 -12.26
C PHE D 168 -16.88 -0.04 -12.08
N LEU D 169 -17.52 -0.87 -12.90
CA LEU D 169 -17.17 -2.27 -12.98
C LEU D 169 -17.01 -2.58 -14.47
N GLN D 170 -15.86 -3.14 -14.84
CA GLN D 170 -15.58 -3.39 -16.27
C GLN D 170 -14.68 -4.58 -16.38
N ASP D 171 -14.70 -5.25 -17.52
CA ASP D 171 -13.71 -6.29 -17.79
C ASP D 171 -12.32 -5.69 -17.96
N LYS D 172 -11.32 -6.39 -17.37
CA LYS D 172 -9.95 -5.97 -17.51
C LYS D 172 -9.52 -5.78 -18.97
N TRP D 173 -9.80 -6.76 -19.84
CA TRP D 173 -9.29 -6.63 -21.18
C TRP D 173 -9.90 -5.41 -21.92
N VAL D 174 -11.13 -5.09 -21.57
CA VAL D 174 -11.87 -4.05 -22.27
C VAL D 174 -11.25 -2.68 -22.04
N ILE D 175 -10.76 -2.41 -20.82
CA ILE D 175 -10.18 -1.14 -20.49
C ILE D 175 -8.67 -1.08 -20.63
N ALA D 176 -8.05 -2.20 -21.07
CA ALA D 176 -6.60 -2.27 -21.19
C ALA D 176 -6.08 -1.43 -22.35
N GLY D 177 -4.93 -0.83 -22.13
CA GLY D 177 -4.20 -0.10 -23.17
C GLY D 177 -2.99 -0.86 -23.64
N ASP D 178 -2.12 -0.14 -24.37
CA ASP D 178 -0.96 -0.74 -24.97
C ASP D 178 0.35 -0.24 -24.44
N LEU D 179 0.33 0.59 -23.37
CA LEU D 179 1.55 1.16 -22.79
CA LEU D 179 1.55 1.17 -22.78
C LEU D 179 1.59 0.70 -21.33
N ALA D 180 2.76 0.29 -20.88
CA ALA D 180 2.90 -0.23 -19.49
C ALA D 180 2.40 0.82 -18.52
N GLY D 181 1.80 0.35 -17.43
CA GLY D 181 1.36 1.22 -16.36
C GLY D 181 2.40 1.43 -15.28
N SER D 182 3.45 0.63 -15.27
CA SER D 182 4.62 0.83 -14.45
C SER D 182 5.84 0.22 -15.14
N GLY D 183 7.00 0.67 -14.73
CA GLY D 183 8.30 0.20 -15.26
C GLY D 183 8.89 -0.96 -14.53
N ASN D 184 9.51 -0.72 -13.36
CA ASN D 184 10.25 -1.75 -12.69
C ASN D 184 9.33 -2.88 -12.18
N THR D 185 8.04 -2.56 -12.01
CA THR D 185 7.10 -3.57 -11.52
C THR D 185 6.14 -4.03 -12.63
N THR D 186 6.50 -3.75 -13.90
CA THR D 186 5.98 -4.40 -15.08
C THR D 186 4.45 -4.62 -15.05
N ASN D 187 3.72 -3.55 -14.87
CA ASN D 187 2.25 -3.60 -14.92
C ASN D 187 1.67 -3.23 -16.28
N ILE D 188 0.62 -3.96 -16.65
CA ILE D 188 -0.28 -3.54 -17.76
C ILE D 188 -0.85 -2.16 -17.44
N GLY D 189 -0.94 -1.31 -18.47
CA GLY D 189 -1.58 -0.02 -18.36
C GLY D 189 -2.96 -0.01 -18.96
N SER D 190 -3.92 0.62 -18.25
CA SER D 190 -5.23 0.88 -18.87
C SER D 190 -5.12 1.95 -19.95
N ILE D 191 -6.21 2.16 -20.65
CA ILE D 191 -6.38 3.40 -21.45
C ILE D 191 -6.20 4.62 -20.53
N HIS D 192 -5.85 5.75 -21.14
CA HIS D 192 -5.77 7.01 -20.42
C HIS D 192 -6.94 7.85 -20.93
N ALA D 193 -7.98 7.95 -20.12
CA ALA D 193 -9.30 8.37 -20.63
C ALA D 193 -10.15 8.93 -19.52
N HIS D 194 -11.28 9.51 -19.88
CA HIS D 194 -12.26 9.92 -18.88
C HIS D 194 -13.06 8.78 -18.31
N TYR D 195 -13.56 8.97 -17.09
CA TYR D 195 -14.41 7.98 -16.42
C TYR D 195 -15.48 7.31 -17.30
N LYS D 196 -16.29 8.10 -18.03
CA LYS D 196 -17.33 7.45 -18.81
C LYS D 196 -16.79 6.49 -19.87
N ASP D 197 -15.58 6.72 -20.35
CA ASP D 197 -14.94 5.78 -21.28
C ASP D 197 -14.64 4.42 -20.67
N PHE D 198 -14.38 4.38 -19.36
CA PHE D 198 -14.27 3.13 -18.68
C PHE D 198 -15.58 2.44 -18.48
N VAL D 199 -16.59 3.17 -18.04
CA VAL D 199 -17.92 2.63 -17.92
C VAL D 199 -18.39 2.01 -19.29
N GLU D 200 -18.16 2.74 -20.35
CA GLU D 200 -18.69 2.35 -21.67
C GLU D 200 -17.82 1.31 -22.37
N GLY D 201 -16.61 1.08 -21.89
CA GLY D 201 -15.72 0.08 -22.46
C GLY D 201 -15.02 0.52 -23.74
N LYS D 202 -14.49 1.73 -23.80
CA LYS D 202 -13.87 2.28 -25.01
C LYS D 202 -12.38 2.04 -25.05
N GLY D 203 -12.03 0.79 -25.24
CA GLY D 203 -10.69 0.33 -25.20
C GLY D 203 -10.14 0.20 -26.58
N ILE D 204 -8.96 -0.36 -26.67
CA ILE D 204 -8.25 -0.46 -27.91
C ILE D 204 -8.13 -1.87 -28.45
N PHE D 205 -8.32 -2.88 -27.62
CA PHE D 205 -8.22 -4.24 -28.13
C PHE D 205 -9.49 -4.72 -28.81
N ASP D 206 -9.30 -5.51 -29.86
CA ASP D 206 -10.44 -6.13 -30.61
C ASP D 206 -11.07 -7.26 -29.84
N SER D 207 -10.32 -7.92 -28.99
CA SER D 207 -10.78 -9.13 -28.33
C SER D 207 -9.93 -9.36 -27.09
N GLU D 208 -10.42 -10.20 -26.19
CA GLU D 208 -9.61 -10.63 -25.06
C GLU D 208 -8.42 -11.43 -25.51
N ASP D 209 -8.58 -12.22 -26.58
CA ASP D 209 -7.41 -12.92 -27.15
C ASP D 209 -6.29 -11.91 -27.53
N GLU D 210 -6.66 -10.83 -28.21
CA GLU D 210 -5.65 -9.86 -28.63
C GLU D 210 -5.01 -9.18 -27.42
N PHE D 211 -5.82 -8.80 -26.43
CA PHE D 211 -5.31 -8.28 -25.15
C PHE D 211 -4.25 -9.20 -24.51
N LEU D 212 -4.56 -10.49 -24.38
CA LEU D 212 -3.65 -11.43 -23.74
C LEU D 212 -2.40 -11.64 -24.51
N ASP D 213 -2.51 -11.81 -25.83
CA ASP D 213 -1.34 -12.03 -26.64
C ASP D 213 -0.41 -10.83 -26.62
N TYR D 214 -0.96 -9.64 -26.67
CA TYR D 214 -0.20 -8.42 -26.63
C TYR D 214 0.62 -8.39 -25.34
N TRP D 215 -0.04 -8.62 -24.21
CA TRP D 215 0.70 -8.42 -22.96
C TRP D 215 1.57 -9.60 -22.62
N ARG D 216 1.30 -10.77 -23.20
CA ARG D 216 2.18 -11.94 -23.00
C ARG D 216 3.49 -11.82 -23.80
N ASN D 217 3.53 -10.97 -24.82
CA ASN D 217 4.71 -10.83 -25.67
C ASN D 217 5.33 -9.43 -25.63
N TYR D 218 4.85 -8.57 -24.72
CA TYR D 218 5.37 -7.27 -24.51
C TYR D 218 6.71 -7.36 -23.82
N GLU D 219 7.74 -6.75 -24.41
CA GLU D 219 9.07 -6.71 -23.76
C GLU D 219 9.16 -5.61 -22.74
N ARG D 220 10.08 -5.79 -21.77
CA ARG D 220 10.05 -5.03 -20.54
C ARG D 220 10.66 -3.67 -20.61
N THR D 221 11.47 -3.40 -21.62
CA THR D 221 12.11 -2.11 -21.74
C THR D 221 11.96 -1.59 -23.17
N SER D 222 12.01 -0.26 -23.28
CA SER D 222 11.94 0.47 -24.56
C SER D 222 12.90 -0.09 -25.60
N GLN D 223 14.12 -0.37 -25.18
CA GLN D 223 15.15 -0.84 -26.10
C GLN D 223 14.77 -2.18 -26.71
N LEU D 224 14.26 -3.09 -25.87
CA LEU D 224 13.86 -4.40 -26.34
C LEU D 224 12.57 -4.34 -27.14
N ARG D 225 11.70 -3.40 -26.84
CA ARG D 225 10.45 -3.30 -27.54
C ARG D 225 10.63 -2.63 -28.96
N ASN D 226 11.66 -1.82 -29.11
CA ASN D 226 11.93 -1.11 -30.37
C ASN D 226 12.24 -2.02 -31.54
N ASP D 227 12.68 -3.24 -31.28
CA ASP D 227 12.83 -4.25 -32.32
C ASP D 227 11.65 -5.16 -32.46
N LYS D 228 10.52 -4.88 -31.77
CA LYS D 228 9.45 -5.81 -31.70
C LYS D 228 8.13 -5.07 -31.85
N TYR D 229 7.54 -4.58 -30.77
CA TYR D 229 6.46 -3.63 -30.84
C TYR D 229 6.37 -2.83 -29.54
N ASN D 230 5.98 -1.59 -29.70
CA ASN D 230 5.76 -0.64 -28.63
C ASN D 230 4.32 -0.20 -28.43
N ASN D 231 3.43 -0.56 -29.35
CA ASN D 231 2.06 -0.11 -29.29
C ASN D 231 1.22 -1.06 -30.17
N ILE D 232 -0.08 -0.86 -30.16
CA ILE D 232 -0.99 -1.83 -30.76
C ILE D 232 -0.81 -1.94 -32.30
N SER D 233 -0.48 -0.83 -32.92
CA SER D 233 -0.22 -0.81 -34.36
C SER D 233 1.04 -1.60 -34.68
N GLU D 234 2.09 -1.41 -33.91
CA GLU D 234 3.31 -2.14 -34.10
C GLU D 234 3.12 -3.65 -33.82
N TYR D 235 2.30 -3.96 -32.82
CA TYR D 235 1.97 -5.36 -32.55
C TYR D 235 1.22 -6.01 -33.70
N ARG D 236 0.21 -5.35 -34.22
CA ARG D 236 -0.48 -5.91 -35.39
C ARG D 236 0.53 -6.14 -36.56
N ASN D 237 1.48 -5.24 -36.70
CA ASN D 237 2.51 -5.43 -37.75
C ASN D 237 3.40 -6.61 -37.41
N TRP D 238 3.77 -6.77 -36.12
CA TRP D 238 4.54 -7.94 -35.68
C TRP D 238 3.84 -9.26 -35.98
N ILE D 239 2.51 -9.31 -35.81
CA ILE D 239 1.72 -10.44 -36.18
C ILE D 239 1.88 -10.75 -37.70
N TYR D 240 1.74 -9.72 -38.50
CA TYR D 240 1.86 -9.89 -39.95
C TYR D 240 3.23 -10.41 -40.34
N ARG D 241 4.28 -9.86 -39.73
CA ARG D 241 5.66 -10.29 -39.97
C ARG D 241 5.92 -11.74 -39.60
N GLY D 242 5.01 -12.37 -38.84
CA GLY D 242 5.15 -13.78 -38.47
C GLY D 242 5.56 -13.99 -37.02
N ARG D 243 5.20 -13.06 -36.16
CA ARG D 243 5.54 -13.13 -34.72
C ARG D 243 7.10 -13.17 -34.59
N LYS D 244 7.73 -12.25 -35.31
CA LYS D 244 9.20 -12.09 -35.36
C LYS D 244 9.40 -10.72 -35.97
#